data_6Q1M
#
_entry.id   6Q1M
#
_cell.length_a   49.566
_cell.length_b   49.566
_cell.length_c   145.653
_cell.angle_alpha   90.000
_cell.angle_beta   90.000
_cell.angle_gamma   90.000
#
_symmetry.space_group_name_H-M   'P 41 21 2'
#
loop_
_entity.id
_entity.type
_entity.pdbx_description
1 polymer 'Replication-associated protein'
2 non-polymer GLYCEROL
3 water water
#
_entity_poly.entity_id   1
_entity_poly.type   'polypeptide(L)'
_entity_poly.pdbx_seq_one_letter_code
;MASSSTPRFRVYSKYLFLTYPQCTLEPQYALDSLRTLLNKYEPLYIAAVRELHEDGSPHLHVLVQNKLRASITNPNALNL
RMDTSPFSIFHPNIQAAKDCNQVRDYITKEVDSDVNTAEWGTFVAVSTPGRKDRDAD
;
_entity_poly.pdbx_strand_id   A
#
loop_
_chem_comp.id
_chem_comp.type
_chem_comp.name
_chem_comp.formula
GOL non-polymer GLYCEROL 'C3 H8 O3'
#
# COMPACT_ATOMS: atom_id res chain seq x y z
N PHE A 9 -4.05 17.48 5.25
CA PHE A 9 -3.99 16.22 4.52
C PHE A 9 -5.17 16.07 3.57
N ARG A 10 -4.87 15.73 2.31
N ARG A 10 -4.85 15.77 2.31
CA ARG A 10 -5.92 15.56 1.32
CA ARG A 10 -5.88 15.50 1.33
C ARG A 10 -5.39 14.88 0.05
C ARG A 10 -5.25 14.74 0.17
N VAL A 11 -5.96 13.72 -0.30
CA VAL A 11 -5.60 13.00 -1.51
C VAL A 11 -6.85 12.87 -2.35
N TYR A 12 -6.71 13.01 -3.67
CA TYR A 12 -7.84 12.83 -4.58
C TYR A 12 -7.30 12.21 -5.87
N SER A 13 -7.17 10.88 -5.86
CA SER A 13 -6.53 10.20 -6.97
C SER A 13 -7.06 8.78 -7.07
N LYS A 14 -7.13 8.26 -8.29
CA LYS A 14 -7.35 6.83 -8.48
C LYS A 14 -6.19 6.00 -7.94
N TYR A 15 -5.00 6.59 -7.83
CA TYR A 15 -3.76 5.84 -7.65
C TYR A 15 -3.11 6.25 -6.34
N LEU A 16 -2.93 5.28 -5.44
CA LEU A 16 -2.45 5.55 -4.10
C LEU A 16 -1.14 4.83 -3.85
N PHE A 17 -0.22 5.51 -3.17
CA PHE A 17 1.05 4.94 -2.73
C PHE A 17 1.08 5.07 -1.22
N LEU A 18 1.02 3.94 -0.52
CA LEU A 18 1.00 3.90 0.93
C LEU A 18 2.33 3.37 1.44
N THR A 19 2.81 3.95 2.53
CA THR A 19 3.98 3.40 3.22
C THR A 19 3.65 3.30 4.70
N TYR A 20 3.69 2.09 5.24
CA TYR A 20 3.51 1.87 6.67
C TYR A 20 4.90 1.70 7.27
N PRO A 21 5.46 2.70 7.93
N PRO A 21 5.47 2.70 7.92
CA PRO A 21 6.79 2.54 8.51
CA PRO A 21 6.82 2.54 8.49
C PRO A 21 6.76 1.63 9.72
C PRO A 21 6.78 1.67 9.73
N GLN A 22 7.86 0.91 9.92
CA GLN A 22 8.03 0.04 11.10
C GLN A 22 6.84 -0.91 11.24
N CYS A 23 6.50 -1.57 10.14
CA CYS A 23 5.28 -2.36 10.05
C CYS A 23 5.63 -3.80 9.71
N THR A 24 5.16 -4.73 10.54
CA THR A 24 5.46 -6.15 10.39
C THR A 24 4.34 -6.94 9.72
N LEU A 25 3.26 -6.29 9.27
CA LEU A 25 2.17 -7.02 8.64
C LEU A 25 2.67 -7.82 7.45
N GLU A 26 2.09 -9.00 7.25
CA GLU A 26 2.37 -9.75 6.03
C GLU A 26 1.80 -8.99 4.84
N PRO A 27 2.57 -8.82 3.76
CA PRO A 27 2.04 -8.11 2.59
C PRO A 27 0.70 -8.61 2.11
N GLN A 28 0.50 -9.93 2.05
CA GLN A 28 -0.76 -10.46 1.52
C GLN A 28 -1.94 -10.04 2.40
N TYR A 29 -1.76 -10.07 3.72
CA TYR A 29 -2.88 -9.79 4.60
C TYR A 29 -3.21 -8.31 4.59
N ALA A 30 -2.20 -7.45 4.50
CA ALA A 30 -2.46 -6.03 4.33
C ALA A 30 -3.18 -5.77 3.02
N LEU A 31 -2.76 -6.43 1.95
CA LEU A 31 -3.40 -6.27 0.65
C LEU A 31 -4.88 -6.64 0.73
N ASP A 32 -5.18 -7.80 1.31
CA ASP A 32 -6.56 -8.26 1.37
C ASP A 32 -7.41 -7.30 2.18
N SER A 33 -6.85 -6.73 3.25
CA SER A 33 -7.62 -5.80 4.07
C SER A 33 -7.80 -4.47 3.36
N LEU A 34 -6.79 -4.03 2.60
CA LEU A 34 -6.95 -2.78 1.87
C LEU A 34 -7.98 -2.91 0.76
N ARG A 35 -8.15 -4.11 0.20
CA ARG A 35 -9.19 -4.32 -0.80
C ARG A 35 -10.56 -3.96 -0.24
N THR A 36 -10.81 -4.28 1.04
CA THR A 36 -12.09 -3.90 1.64
C THR A 36 -12.10 -2.43 2.10
N LEU A 37 -11.03 -1.97 2.75
CA LEU A 37 -11.05 -0.58 3.22
C LEU A 37 -11.26 0.41 2.09
N LEU A 38 -10.76 0.08 0.89
CA LEU A 38 -10.87 0.97 -0.26
C LEU A 38 -12.03 0.60 -1.18
N ASN A 39 -12.99 -0.20 -0.69
CA ASN A 39 -13.97 -0.76 -1.60
C ASN A 39 -14.86 0.29 -2.25
N LYS A 40 -15.01 1.47 -1.64
CA LYS A 40 -15.85 2.48 -2.26
C LYS A 40 -15.30 2.93 -3.60
N TYR A 41 -13.99 2.79 -3.79
N TYR A 41 -14.02 2.71 -3.86
CA TYR A 41 -13.30 3.27 -4.98
CA TYR A 41 -13.42 3.18 -5.11
C TYR A 41 -13.09 2.19 -6.01
C TYR A 41 -13.12 2.06 -6.09
N GLU A 42 -13.49 0.96 -5.71
N GLU A 42 -13.66 0.87 -5.85
CA GLU A 42 -13.39 -0.21 -6.58
CA GLU A 42 -13.43 -0.34 -6.62
C GLU A 42 -11.95 -0.51 -6.97
C GLU A 42 -11.95 -0.52 -6.97
N PRO A 43 -11.16 -1.04 -6.04
CA PRO A 43 -9.78 -1.39 -6.37
C PRO A 43 -9.72 -2.34 -7.55
N LEU A 44 -8.75 -2.08 -8.44
CA LEU A 44 -8.51 -2.91 -9.61
C LEU A 44 -7.21 -3.69 -9.52
N TYR A 45 -6.19 -3.12 -8.88
CA TYR A 45 -4.89 -3.76 -8.80
C TYR A 45 -4.22 -3.28 -7.53
N ILE A 46 -3.54 -4.19 -6.83
CA ILE A 46 -2.75 -3.84 -5.65
C ILE A 46 -1.43 -4.60 -5.72
N ALA A 47 -0.35 -3.93 -5.35
CA ALA A 47 0.94 -4.60 -5.10
C ALA A 47 1.45 -4.13 -3.75
N ALA A 48 1.96 -5.07 -2.95
CA ALA A 48 2.46 -4.76 -1.62
C ALA A 48 3.79 -5.46 -1.39
N VAL A 49 4.73 -4.74 -0.80
N VAL A 49 4.74 -4.76 -0.77
CA VAL A 49 6.05 -5.27 -0.49
CA VAL A 49 6.08 -5.30 -0.53
C VAL A 49 6.42 -4.87 0.93
C VAL A 49 6.59 -4.81 0.82
N ARG A 50 7.19 -5.73 1.58
CA ARG A 50 7.87 -5.38 2.82
C ARG A 50 9.31 -5.02 2.48
N GLU A 51 9.64 -3.74 2.53
CA GLU A 51 11.02 -3.32 2.42
C GLU A 51 11.72 -3.53 3.75
N LEU A 52 12.96 -4.00 3.71
N LEU A 52 12.97 -3.97 3.71
CA LEU A 52 13.81 -4.02 4.89
CA LEU A 52 13.80 -4.04 4.91
C LEU A 52 14.89 -2.97 4.70
C LEU A 52 14.94 -3.04 4.77
N HIS A 53 14.93 -2.01 5.62
CA HIS A 53 16.03 -1.07 5.64
C HIS A 53 17.31 -1.81 6.05
N GLU A 54 18.45 -1.12 5.87
CA GLU A 54 19.71 -1.77 6.23
C GLU A 54 19.81 -2.04 7.73
N ASP A 55 19.08 -1.31 8.56
CA ASP A 55 19.04 -1.60 9.99
C ASP A 55 18.11 -2.75 10.34
N GLY A 56 17.49 -3.37 9.34
CA GLY A 56 16.59 -4.49 9.56
C GLY A 56 15.14 -4.10 9.74
N SER A 57 14.83 -2.82 9.85
CA SER A 57 13.46 -2.42 10.14
C SER A 57 12.57 -2.61 8.91
N PRO A 58 11.32 -3.02 9.11
CA PRO A 58 10.42 -3.27 7.99
C PRO A 58 9.52 -2.09 7.68
N HIS A 59 9.25 -1.89 6.40
CA HIS A 59 8.40 -0.79 5.95
C HIS A 59 7.55 -1.34 4.83
N LEU A 60 6.24 -1.30 4.99
CA LEU A 60 5.33 -1.92 4.03
C LEU A 60 4.86 -0.87 3.04
N HIS A 61 5.16 -1.08 1.76
CA HIS A 61 4.72 -0.19 0.70
C HIS A 61 3.62 -0.85 -0.10
N VAL A 62 2.62 -0.05 -0.48
CA VAL A 62 1.48 -0.54 -1.24
C VAL A 62 1.18 0.42 -2.37
N LEU A 63 0.96 -0.11 -3.56
CA LEU A 63 0.39 0.64 -4.68
C LEU A 63 -1.01 0.11 -4.88
N VAL A 64 -2.00 1.02 -4.91
CA VAL A 64 -3.38 0.66 -5.21
C VAL A 64 -3.81 1.45 -6.44
N GLN A 65 -4.33 0.73 -7.43
CA GLN A 65 -4.98 1.37 -8.58
C GLN A 65 -6.48 1.12 -8.47
N ASN A 66 -7.26 2.20 -8.35
CA ASN A 66 -8.70 2.11 -8.21
C ASN A 66 -9.38 2.48 -9.51
N LYS A 67 -10.62 1.98 -9.67
CA LYS A 67 -11.42 2.37 -10.82
C LYS A 67 -11.88 3.82 -10.69
N LEU A 68 -12.20 4.24 -9.47
CA LEU A 68 -12.75 5.55 -9.20
C LEU A 68 -11.73 6.41 -8.47
N ARG A 69 -11.75 7.71 -8.76
CA ARG A 69 -10.86 8.64 -8.11
C ARG A 69 -11.20 8.75 -6.63
N ALA A 70 -10.24 8.42 -5.77
CA ALA A 70 -10.49 8.26 -4.34
C ALA A 70 -10.20 9.56 -3.60
N SER A 71 -11.22 10.07 -2.91
CA SER A 71 -11.06 11.21 -2.01
C SER A 71 -10.77 10.67 -0.61
N ILE A 72 -9.56 10.93 -0.11
N ILE A 72 -9.55 10.92 -0.13
CA ILE A 72 -9.18 10.53 1.24
CA ILE A 72 -9.14 10.54 1.21
C ILE A 72 -8.79 11.78 1.99
C ILE A 72 -8.80 11.81 1.97
N THR A 73 -9.57 12.11 3.02
CA THR A 73 -9.31 13.26 3.86
C THR A 73 -9.14 12.90 5.31
N ASN A 74 -9.42 11.66 5.69
CA ASN A 74 -9.20 11.17 7.05
C ASN A 74 -7.84 10.50 7.06
N PRO A 75 -6.83 11.09 7.70
CA PRO A 75 -5.48 10.50 7.64
C PRO A 75 -5.40 9.13 8.29
N ASN A 76 -6.40 8.72 9.05
CA ASN A 76 -6.41 7.43 9.72
C ASN A 76 -7.26 6.39 8.99
N ALA A 77 -7.77 6.73 7.80
CA ALA A 77 -8.73 5.87 7.11
C ALA A 77 -8.15 4.51 6.76
N LEU A 78 -6.82 4.42 6.59
CA LEU A 78 -6.20 3.18 6.13
C LEU A 78 -5.31 2.56 7.19
N ASN A 79 -5.50 2.94 8.46
CA ASN A 79 -4.77 2.28 9.53
C ASN A 79 -5.18 0.81 9.58
N LEU A 80 -4.23 -0.04 9.96
CA LEU A 80 -4.48 -1.48 10.07
C LEU A 80 -3.90 -1.99 11.37
N ARG A 81 -4.60 -2.91 12.02
CA ARG A 81 -4.13 -3.52 13.25
C ARG A 81 -3.73 -4.97 12.98
N MET A 82 -2.61 -5.40 13.56
CA MET A 82 -2.26 -6.81 13.43
C MET A 82 -3.18 -7.67 14.30
N ASP A 83 -3.27 -8.95 13.94
CA ASP A 83 -4.23 -9.89 14.52
C ASP A 83 -3.62 -10.82 15.57
N THR A 84 -2.40 -10.54 16.03
CA THR A 84 -1.80 -11.29 17.12
C THR A 84 -1.08 -10.30 18.03
N SER A 85 -0.73 -10.76 19.22
CA SER A 85 -0.05 -9.90 20.19
C SER A 85 1.21 -9.31 19.57
N PRO A 86 1.51 -8.03 19.81
CA PRO A 86 0.83 -7.12 20.73
C PRO A 86 -0.29 -6.25 20.14
N PHE A 87 -0.85 -6.67 19.00
CA PHE A 87 -2.03 -6.01 18.44
C PHE A 87 -1.75 -4.55 18.08
N SER A 88 -0.54 -4.29 17.59
N SER A 88 -0.55 -4.29 17.57
CA SER A 88 -0.14 -2.94 17.22
CA SER A 88 -0.15 -2.93 17.24
C SER A 88 -1.01 -2.41 16.09
C SER A 88 -0.94 -2.39 16.05
N ILE A 89 -1.21 -1.10 16.09
CA ILE A 89 -1.86 -0.37 14.99
C ILE A 89 -0.76 0.24 14.15
N PHE A 90 -0.88 0.10 12.84
CA PHE A 90 0.08 0.64 11.89
C PHE A 90 -0.60 1.75 11.08
N HIS A 91 0.02 2.92 11.09
CA HIS A 91 -0.48 4.11 10.41
C HIS A 91 0.39 4.39 9.19
N PRO A 92 -0.21 4.52 8.01
CA PRO A 92 0.58 4.78 6.80
C PRO A 92 0.68 6.25 6.46
N ASN A 93 1.76 6.58 5.75
CA ASN A 93 1.77 7.75 4.90
C ASN A 93 0.94 7.45 3.65
N ILE A 94 -0.04 8.30 3.36
CA ILE A 94 -0.93 8.10 2.22
C ILE A 94 -0.63 9.21 1.23
N GLN A 95 -0.18 8.85 0.02
CA GLN A 95 0.09 9.81 -1.04
C GLN A 95 -0.55 9.36 -2.34
N ALA A 96 -0.78 10.33 -3.23
CA ALA A 96 -1.10 9.99 -4.60
C ALA A 96 0.11 9.36 -5.27
N ALA A 97 -0.12 8.32 -6.06
CA ALA A 97 0.95 7.73 -6.87
C ALA A 97 1.04 8.54 -8.16
N LYS A 98 2.08 9.36 -8.27
N LYS A 98 2.08 9.36 -8.27
CA LYS A 98 2.20 10.26 -9.41
CA LYS A 98 2.19 10.27 -9.42
C LYS A 98 2.40 9.50 -10.71
C LYS A 98 2.44 9.53 -10.73
N ASP A 99 3.13 8.38 -10.66
CA ASP A 99 3.43 7.59 -11.85
C ASP A 99 3.37 6.14 -11.36
N CYS A 100 2.29 5.42 -11.72
CA CYS A 100 2.11 4.06 -11.24
C CYS A 100 3.23 3.15 -11.72
N ASN A 101 3.78 3.38 -12.91
CA ASN A 101 4.84 2.50 -13.39
C ASN A 101 6.10 2.69 -12.56
N GLN A 102 6.42 3.94 -12.22
CA GLN A 102 7.56 4.23 -11.37
C GLN A 102 7.35 3.66 -9.97
N VAL A 103 6.16 3.86 -9.40
CA VAL A 103 5.91 3.34 -8.05
C VAL A 103 5.98 1.82 -8.05
N ARG A 104 5.42 1.17 -9.08
CA ARG A 104 5.48 -0.28 -9.13
C ARG A 104 6.91 -0.77 -9.20
N ASP A 105 7.76 -0.10 -9.99
CA ASP A 105 9.17 -0.48 -10.03
C ASP A 105 9.83 -0.29 -8.66
N TYR A 106 9.50 0.81 -7.98
CA TYR A 106 10.06 1.00 -6.64
C TYR A 106 9.70 -0.16 -5.72
N ILE A 107 8.42 -0.55 -5.73
N ILE A 107 8.43 -0.57 -5.76
CA ILE A 107 7.90 -1.57 -4.81
CA ILE A 107 7.90 -1.55 -4.82
C ILE A 107 8.45 -2.94 -5.17
C ILE A 107 8.36 -2.95 -5.16
N THR A 108 8.35 -3.32 -6.45
CA THR A 108 8.60 -4.69 -6.87
C THR A 108 10.03 -4.97 -7.28
N LYS A 109 10.88 -3.95 -7.40
N LYS A 109 10.88 -3.95 -7.39
CA LYS A 109 12.25 -4.18 -7.81
CA LYS A 109 12.24 -4.17 -7.88
C LYS A 109 13.24 -3.43 -6.94
C LYS A 109 13.30 -3.39 -7.10
N GLU A 110 13.01 -2.14 -6.73
CA GLU A 110 14.05 -1.29 -6.14
C GLU A 110 14.31 -1.62 -4.67
N VAL A 111 13.26 -1.69 -3.84
CA VAL A 111 13.48 -1.91 -2.41
C VAL A 111 13.96 -3.33 -2.17
N ASP A 112 14.77 -3.48 -1.12
CA ASP A 112 15.19 -4.81 -0.67
C ASP A 112 14.04 -5.48 0.06
N SER A 113 13.69 -6.69 -0.35
CA SER A 113 12.72 -7.49 0.40
C SER A 113 13.17 -8.95 0.38
N ASP A 114 13.05 -9.62 1.53
CA ASP A 114 13.33 -11.05 1.61
C ASP A 114 12.08 -11.90 1.68
N VAL A 115 10.91 -11.32 1.41
CA VAL A 115 9.70 -12.10 1.31
C VAL A 115 8.99 -11.73 0.01
N ASN A 116 8.07 -12.59 -0.41
CA ASN A 116 7.42 -12.39 -1.69
C ASN A 116 6.61 -11.09 -1.71
N THR A 117 6.52 -10.50 -2.90
CA THR A 117 5.56 -9.45 -3.18
C THR A 117 4.16 -10.04 -3.18
N ALA A 118 3.20 -9.29 -2.68
CA ALA A 118 1.79 -9.68 -2.83
C ALA A 118 1.19 -8.84 -3.94
N GLU A 119 0.47 -9.48 -4.86
N GLU A 119 0.37 -9.47 -4.78
CA GLU A 119 -0.20 -8.77 -5.93
CA GLU A 119 -0.16 -8.85 -5.98
C GLU A 119 -1.59 -9.34 -6.11
C GLU A 119 -1.55 -9.38 -6.28
N TRP A 120 -2.48 -8.49 -6.61
CA TRP A 120 -3.84 -8.87 -6.91
C TRP A 120 -4.35 -8.02 -8.05
N GLY A 121 -5.07 -8.64 -8.97
CA GLY A 121 -5.72 -7.92 -10.05
C GLY A 121 -4.87 -7.83 -11.30
N THR A 122 -5.42 -7.15 -12.29
CA THR A 122 -4.74 -6.87 -13.55
C THR A 122 -4.19 -5.46 -13.52
N PHE A 123 -2.90 -5.32 -13.78
CA PHE A 123 -2.27 -4.01 -13.74
C PHE A 123 -2.92 -3.08 -14.75
N VAL A 124 -3.19 -1.85 -14.31
CA VAL A 124 -3.81 -0.84 -15.15
C VAL A 124 -2.72 -0.05 -15.87
N ALA A 125 -2.84 0.06 -17.19
CA ALA A 125 -1.93 0.86 -18.01
C ALA A 125 -2.42 2.29 -17.96
N VAL A 126 -1.75 3.13 -17.17
CA VAL A 126 -2.26 4.47 -16.92
C VAL A 126 -1.83 5.40 -18.04
N SER A 127 -2.73 6.30 -18.40
CA SER A 127 -2.45 7.30 -19.42
C SER A 127 -1.56 8.39 -18.83
C1 GOL B . -9.48 1.78 9.37
O1 GOL B . -8.86 0.81 10.13
C2 GOL B . -10.78 1.92 10.10
O2 GOL B . -10.70 2.91 11.06
C3 GOL B . -11.81 2.17 9.01
O3 GOL B . -12.97 2.44 9.68
C1 GOL C . -5.71 10.18 -11.32
O1 GOL C . -6.82 10.08 -10.46
C2 GOL C . -4.89 11.46 -10.97
O2 GOL C . -4.37 12.10 -12.09
C3 GOL C . -5.81 12.35 -10.12
O3 GOL C . -5.10 13.53 -9.87
C1 GOL D . 9.84 6.43 -3.26
O1 GOL D . 8.96 7.23 -2.52
C2 GOL D . 9.52 6.66 -4.75
O2 GOL D . 10.45 6.09 -5.58
C3 GOL D . 8.12 6.06 -4.97
O3 GOL D . 7.54 6.87 -5.93
C1 GOL E . 6.09 9.87 -3.54
O1 GOL E . 7.21 10.68 -3.33
C2 GOL E . 5.87 9.83 -5.05
O2 GOL E . 7.00 9.43 -5.72
C3 GOL E . 4.68 8.87 -5.28
O3 GOL E . 4.33 8.98 -6.62
#